data_4P5N
#
_entry.id   4P5N
#
_cell.length_a   31.775
_cell.length_b   34.686
_cell.length_c   38.253
_cell.angle_alpha   73.930
_cell.angle_beta   72.850
_cell.angle_gamma   79.460
#
_symmetry.space_group_name_H-M   'P 1'
#
loop_
_entity.id
_entity.type
_entity.pdbx_description
1 polymer 'Hypothetical protein CNAG_02591'
2 non-polymer 'CADMIUM ION'
3 non-polymer 'SULFATE ION'
4 non-polymer GLYCEROL
5 water water
#
_entity_poly.entity_id   1
_entity_poly.type   'polypeptide(L)'
_entity_poly.pdbx_seq_one_letter_code
;GSMSVQDKQGQNINVGDTVYTPYRGGKHEGQVADIVTTKEEAAEKGVKNPPKVLFTDQNNKDVAHNPGTLTDLDKQK
;
_entity_poly.pdbx_strand_id   A,B
#
# COMPACT_ATOMS: atom_id res chain seq x y z
N MET A 3 -10.37 18.10 8.51
N MET A 3 -10.64 16.61 8.34
CA MET A 3 -9.52 18.33 9.72
CA MET A 3 -9.73 17.43 9.20
C MET A 3 -8.38 17.32 9.85
C MET A 3 -8.47 16.65 9.56
N SER A 4 -7.66 17.37 10.97
N SER A 4 -7.68 17.22 10.47
CA SER A 4 -6.44 16.59 11.15
CA SER A 4 -6.46 16.56 10.93
C SER A 4 -6.70 15.09 11.38
C SER A 4 -6.74 15.10 11.19
N VAL A 5 -5.73 14.25 10.99
CA VAL A 5 -5.72 12.84 11.34
CA VAL A 5 -5.81 12.87 11.43
C VAL A 5 -4.74 12.65 12.49
N GLN A 6 -5.08 11.83 13.47
CA GLN A 6 -4.26 11.68 14.67
C GLN A 6 -3.65 10.28 14.82
N ASP A 7 -2.49 10.23 15.46
CA ASP A 7 -1.81 8.96 15.74
C ASP A 7 -2.39 8.26 16.99
N LYS A 8 -1.73 7.19 17.44
CA LYS A 8 -2.30 6.39 18.56
C LYS A 8 -2.21 7.12 19.90
N GLN A 9 -1.49 8.23 19.90
CA GLN A 9 -1.41 9.10 21.09
C GLN A 9 -2.23 10.38 20.95
N GLY A 10 -3.12 10.41 19.96
CA GLY A 10 -4.00 11.56 19.77
C GLY A 10 -3.34 12.79 19.17
N GLN A 11 -2.15 12.60 18.57
CA GLN A 11 -1.36 13.72 18.07
C GLN A 11 -1.60 13.92 16.58
N ASN A 12 -1.81 15.17 16.16
CA ASN A 12 -2.00 15.48 14.75
C ASN A 12 -0.79 15.07 13.92
N ILE A 13 -1.05 14.36 12.82
CA ILE A 13 0.03 13.91 11.95
C ILE A 13 0.16 14.88 10.78
N ASN A 14 1.38 15.33 10.52
CA ASN A 14 1.65 16.25 9.43
C ASN A 14 2.56 15.60 8.39
N VAL A 15 2.37 15.99 7.14
CA VAL A 15 3.31 15.62 6.07
C VAL A 15 4.72 16.06 6.48
N GLY A 16 5.68 15.16 6.31
CA GLY A 16 7.06 15.36 6.71
C GLY A 16 7.42 14.85 8.10
N ASP A 17 6.42 14.45 8.89
CA ASP A 17 6.70 13.91 10.22
C ASP A 17 7.22 12.49 10.11
N THR A 18 8.07 12.12 11.07
CA THR A 18 8.49 10.73 11.18
C THR A 18 7.42 9.93 11.91
N VAL A 19 6.92 8.87 11.26
CA VAL A 19 5.97 7.94 11.89
C VAL A 19 6.61 6.57 12.06
N TYR A 20 6.04 5.76 12.95
CA TYR A 20 6.60 4.49 13.37
C TYR A 20 5.49 3.47 13.64
N THR A 21 5.66 2.28 13.15
CA THR A 21 4.84 1.16 13.55
C THR A 21 5.70 -0.10 13.70
N PRO A 22 5.52 -0.86 14.79
CA PRO A 22 6.31 -2.08 14.94
C PRO A 22 5.55 -3.29 14.44
N TYR A 23 6.28 -4.33 14.10
CA TYR A 23 5.68 -5.64 13.88
C TYR A 23 6.62 -6.69 14.46
N ARG A 24 6.18 -7.95 14.52
CA ARG A 24 7.07 -8.98 15.07
C ARG A 24 8.19 -9.26 14.06
N GLY A 25 9.39 -8.80 14.39
CA GLY A 25 10.53 -8.96 13.50
C GLY A 25 11.12 -7.67 12.92
N GLY A 26 10.46 -6.53 13.13
CA GLY A 26 10.93 -5.30 12.52
C GLY A 26 10.04 -4.12 12.80
N LYS A 27 10.24 -3.06 12.03
CA LYS A 27 9.47 -1.85 12.15
C LYS A 27 9.30 -1.24 10.76
N HIS A 28 8.37 -0.31 10.66
CA HIS A 28 8.34 0.62 9.53
C HIS A 28 8.37 2.02 10.10
N GLU A 29 9.45 2.73 9.78
CA GLU A 29 9.66 4.09 10.26
C GLU A 29 10.13 4.98 9.12
N GLY A 30 9.50 6.14 8.94
CA GLY A 30 9.90 7.06 7.86
C GLY A 30 9.01 8.28 7.82
N GLN A 31 9.23 9.15 6.84
CA GLN A 31 8.55 10.44 6.85
C GLN A 31 7.28 10.37 6.03
N VAL A 32 6.23 10.97 6.58
CA VAL A 32 4.92 11.03 5.93
C VAL A 32 5.02 11.80 4.61
N ALA A 33 4.58 11.16 3.52
CA ALA A 33 4.48 11.79 2.20
C ALA A 33 3.09 12.33 1.91
N ASP A 34 2.08 11.67 2.46
CA ASP A 34 0.71 12.03 2.16
C ASP A 34 -0.23 11.41 3.20
N ILE A 35 -1.37 12.07 3.39
CA ILE A 35 -2.41 11.61 4.27
C ILE A 35 -3.68 11.59 3.43
N VAL A 36 -4.21 10.39 3.24
CA VAL A 36 -5.36 10.16 2.37
C VAL A 36 -6.61 10.01 3.24
N THR A 37 -7.63 10.82 2.98
CA THR A 37 -8.80 10.83 3.88
C THR A 37 -10.15 10.60 3.23
N THR A 38 -10.18 10.41 1.91
CA THR A 38 -11.44 10.11 1.24
C THR A 38 -11.31 8.84 0.42
N LYS A 39 -12.45 8.21 0.15
CA LYS A 39 -12.47 7.01 -0.67
CA LYS A 39 -12.51 7.02 -0.69
C LYS A 39 -11.93 7.29 -2.07
N GLU A 40 -12.24 8.47 -2.61
CA GLU A 40 -11.79 8.86 -3.96
C GLU A 40 -10.28 9.05 -4.03
N GLU A 41 -9.70 9.73 -3.05
CA GLU A 41 -8.26 9.90 -3.02
C GLU A 41 -7.56 8.55 -2.79
N ALA A 42 -8.17 7.70 -1.97
CA ALA A 42 -7.61 6.38 -1.74
C ALA A 42 -7.56 5.58 -3.04
N ALA A 43 -8.64 5.63 -3.79
CA ALA A 43 -8.70 4.96 -5.08
C ALA A 43 -7.62 5.49 -6.02
N GLU A 44 -7.49 6.81 -6.11
CA GLU A 44 -6.48 7.41 -6.97
C GLU A 44 -5.05 6.99 -6.60
N LYS A 45 -4.78 6.84 -5.30
N LYS A 45 -4.78 6.86 -5.30
CA LYS A 45 -3.46 6.51 -4.81
CA LYS A 45 -3.44 6.49 -4.81
C LYS A 45 -3.24 5.00 -4.68
C LYS A 45 -3.21 4.99 -4.77
N GLY A 46 -4.23 4.21 -5.10
CA GLY A 46 -4.12 2.75 -5.11
C GLY A 46 -4.14 2.08 -3.76
N VAL A 47 -4.72 2.73 -2.77
CA VAL A 47 -4.81 2.19 -1.41
C VAL A 47 -6.28 2.00 -1.04
N LYS A 48 -6.52 1.35 0.10
CA LYS A 48 -7.88 1.03 0.53
C LYS A 48 -8.11 1.52 1.94
N ASN A 49 -9.38 1.72 2.26
CA ASN A 49 -9.84 1.97 3.63
C ASN A 49 -9.16 3.19 4.27
N PRO A 50 -9.52 4.39 3.78
CA PRO A 50 -9.04 5.60 4.45
C PRO A 50 -9.61 5.72 5.86
N PRO A 51 -8.93 6.46 6.74
CA PRO A 51 -7.69 7.19 6.46
C PRO A 51 -6.44 6.30 6.35
N LYS A 52 -5.53 6.72 5.48
CA LYS A 52 -4.23 6.06 5.35
C LYS A 52 -3.12 7.08 5.36
N VAL A 53 -2.05 6.76 6.08
CA VAL A 53 -0.84 7.57 6.10
C VAL A 53 0.13 6.88 5.15
N LEU A 54 0.60 7.62 4.14
CA LEU A 54 1.54 7.07 3.16
C LEU A 54 2.94 7.57 3.51
N PHE A 55 3.87 6.63 3.70
CA PHE A 55 5.26 6.98 3.99
C PHE A 55 6.21 5.95 3.43
N THR A 56 7.47 6.35 3.24
CA THR A 56 8.49 5.41 2.83
C THR A 56 9.30 5.01 4.04
N ASP A 57 9.48 3.71 4.26
CA ASP A 57 10.17 3.27 5.46
C ASP A 57 11.69 3.25 5.29
N GLN A 58 12.36 2.76 6.34
CA GLN A 58 13.84 2.80 6.41
C GLN A 58 14.51 1.87 5.42
N ASN A 59 13.72 0.98 4.79
CA ASN A 59 14.23 0.09 3.76
C ASN A 59 13.74 0.53 2.37
N ASN A 60 13.30 1.79 2.29
CA ASN A 60 12.80 2.35 1.04
C ASN A 60 11.56 1.65 0.50
N LYS A 61 10.72 1.13 1.41
CA LYS A 61 9.44 0.53 1.00
C LYS A 61 8.32 1.54 1.19
N ASP A 62 7.47 1.70 0.17
CA ASP A 62 6.30 2.59 0.30
C ASP A 62 5.22 1.82 1.06
N VAL A 63 4.82 2.40 2.19
CA VAL A 63 3.85 1.79 3.12
C VAL A 63 2.60 2.68 3.20
N ALA A 64 1.43 2.05 3.27
CA ALA A 64 0.19 2.78 3.54
C ALA A 64 -0.39 2.20 4.83
N HIS A 65 -0.49 3.03 5.87
CA HIS A 65 -0.86 2.50 7.19
C HIS A 65 -1.94 3.33 7.85
N ASN A 66 -2.84 2.68 8.58
CA ASN A 66 -3.83 3.40 9.34
C ASN A 66 -3.17 4.32 10.38
N PRO A 67 -3.74 5.51 10.61
CA PRO A 67 -3.08 6.47 11.51
C PRO A 67 -3.18 6.09 12.97
N GLY A 68 -4.29 5.45 13.34
CA GLY A 68 -4.61 5.23 14.75
C GLY A 68 -3.78 4.17 15.45
N THR A 69 -2.94 3.47 14.68
CA THR A 69 -2.08 2.43 15.24
C THR A 69 -0.62 2.72 14.94
N LEU A 70 -0.33 3.94 14.52
CA LEU A 70 1.07 4.29 14.43
C LEU A 70 1.40 5.42 15.39
N THR A 71 2.69 5.67 15.58
CA THR A 71 3.14 6.75 16.46
C THR A 71 3.87 7.80 15.65
N ASP A 72 3.49 9.06 15.82
CA ASP A 72 4.21 10.17 15.18
C ASP A 72 5.35 10.53 16.13
N LEU A 73 6.57 10.14 15.76
CA LEU A 73 7.73 10.36 16.64
C LEU A 73 8.05 11.83 16.85
N ASP A 74 7.67 12.66 15.89
CA ASP A 74 7.89 14.10 16.01
C ASP A 74 6.93 14.83 16.94
N LYS A 75 5.92 14.13 17.44
CA LYS A 75 4.94 14.72 18.34
CA LYS A 75 4.95 14.73 18.34
C LYS A 75 5.04 14.09 19.74
N GLN A 76 6.08 13.29 19.94
CA GLN A 76 6.41 12.68 21.23
C GLN A 76 7.29 13.66 21.98
N MET B 3 1.39 -23.79 -4.60
CA MET B 3 0.38 -23.19 -5.52
C MET B 3 0.90 -21.88 -6.13
N SER B 4 0.60 -21.69 -7.41
CA SER B 4 0.91 -20.45 -8.14
C SER B 4 -0.06 -19.32 -7.76
N VAL B 5 0.28 -18.10 -8.17
N VAL B 5 0.27 -18.09 -8.15
CA VAL B 5 -0.57 -16.92 -7.98
CA VAL B 5 -0.64 -16.95 -7.95
C VAL B 5 -1.29 -16.57 -9.30
C VAL B 5 -1.30 -16.57 -9.28
N GLN B 6 -2.61 -16.43 -9.25
CA GLN B 6 -3.43 -16.29 -10.48
C GLN B 6 -4.32 -15.06 -10.47
N ASP B 7 -4.58 -14.54 -11.67
CA ASP B 7 -5.45 -13.37 -11.81
C ASP B 7 -6.92 -13.78 -11.79
N LYS B 8 -7.82 -12.84 -12.07
CA LYS B 8 -9.25 -13.13 -11.99
C LYS B 8 -9.75 -14.09 -13.10
N GLN B 9 -8.90 -14.35 -14.08
CA GLN B 9 -9.21 -15.28 -15.17
C GLN B 9 -8.45 -16.58 -14.99
N GLY B 10 -7.88 -16.77 -13.81
CA GLY B 10 -7.18 -18.02 -13.48
C GLY B 10 -5.81 -18.18 -14.12
N GLN B 11 -5.28 -17.08 -14.66
CA GLN B 11 -3.99 -17.13 -15.35
C GLN B 11 -2.86 -16.87 -14.38
N ASN B 12 -1.84 -17.73 -14.44
CA ASN B 12 -0.63 -17.57 -13.60
C ASN B 12 0.04 -16.25 -13.91
N ILE B 13 0.31 -15.48 -12.86
CA ILE B 13 0.95 -14.17 -13.00
C ILE B 13 2.47 -14.31 -12.84
N ASN B 14 3.22 -13.69 -13.75
CA ASN B 14 4.68 -13.62 -13.64
C ASN B 14 5.15 -12.21 -13.37
N VAL B 15 6.30 -12.10 -12.69
CA VAL B 15 6.98 -10.81 -12.55
C VAL B 15 7.22 -10.26 -13.96
N GLY B 16 6.96 -8.96 -14.13
CA GLY B 16 7.08 -8.31 -15.42
C GLY B 16 5.77 -8.20 -16.19
N ASP B 17 4.78 -9.02 -15.86
CA ASP B 17 3.49 -8.96 -16.57
C ASP B 17 2.77 -7.67 -16.25
N THR B 18 2.13 -7.05 -17.24
CA THR B 18 1.24 -5.96 -16.98
C THR B 18 -0.05 -6.46 -16.32
N VAL B 19 -0.34 -5.90 -15.16
CA VAL B 19 -1.62 -6.14 -14.48
C VAL B 19 -2.47 -4.87 -14.50
N TYR B 20 -3.77 -5.04 -14.29
CA TYR B 20 -4.73 -3.97 -14.48
C TYR B 20 -5.86 -4.11 -13.48
N THR B 21 -6.23 -2.99 -12.88
CA THR B 21 -7.47 -2.93 -12.09
C THR B 21 -8.10 -1.57 -12.30
N PRO B 22 -9.41 -1.55 -12.60
CA PRO B 22 -10.10 -0.27 -12.81
C PRO B 22 -10.70 0.25 -11.49
N TYR B 23 -10.91 1.55 -11.40
CA TYR B 23 -11.70 2.15 -10.31
C TYR B 23 -12.55 3.27 -10.90
N ARG B 24 -13.44 3.83 -10.09
CA ARG B 24 -14.32 4.87 -10.62
C ARG B 24 -13.50 6.12 -10.82
N GLY B 25 -13.20 6.42 -12.08
CA GLY B 25 -12.42 7.60 -12.40
C GLY B 25 -11.04 7.31 -12.95
N GLY B 26 -10.63 6.05 -13.03
CA GLY B 26 -9.26 5.77 -13.47
C GLY B 26 -8.92 4.30 -13.44
N LYS B 27 -7.62 4.02 -13.52
CA LYS B 27 -7.15 2.65 -13.46
C LYS B 27 -5.82 2.63 -12.74
N HIS B 28 -5.40 1.43 -12.37
CA HIS B 28 -4.00 1.18 -11.99
C HIS B 28 -3.48 0.07 -12.88
N GLU B 29 -2.50 0.41 -13.72
CA GLU B 29 -1.95 -0.54 -14.65
C GLU B 29 -0.43 -0.42 -14.62
N GLY B 30 0.26 -1.55 -14.57
CA GLY B 30 1.73 -1.53 -14.58
C GLY B 30 2.28 -2.94 -14.46
N GLN B 31 3.58 -3.06 -14.55
CA GLN B 31 4.24 -4.36 -14.55
C GLN B 31 4.46 -4.88 -13.15
N VAL B 32 4.14 -6.15 -12.92
CA VAL B 32 4.41 -6.77 -11.64
C VAL B 32 5.92 -6.68 -11.32
N ALA B 33 6.24 -6.17 -10.13
CA ALA B 33 7.62 -6.11 -9.64
C ALA B 33 7.93 -7.19 -8.63
N ASP B 34 6.92 -7.66 -7.91
CA ASP B 34 7.14 -8.70 -6.90
C ASP B 34 5.82 -9.39 -6.63
N ILE B 35 5.90 -10.68 -6.32
CA ILE B 35 4.75 -11.46 -5.88
C ILE B 35 5.03 -11.94 -4.47
N VAL B 36 4.22 -11.46 -3.52
CA VAL B 36 4.43 -11.70 -2.10
C VAL B 36 3.48 -12.80 -1.68
N THR B 37 4.03 -13.91 -1.19
CA THR B 37 3.19 -15.06 -0.84
C THR B 37 3.38 -15.46 0.62
N THR B 38 4.45 -14.99 1.23
CA THR B 38 4.77 -15.36 2.61
C THR B 38 4.41 -14.25 3.59
N LYS B 39 4.08 -14.66 4.82
CA LYS B 39 3.83 -13.71 5.91
C LYS B 39 5.08 -12.86 6.17
N GLU B 40 6.24 -13.52 6.16
CA GLU B 40 7.53 -12.83 6.38
C GLU B 40 7.73 -11.68 5.40
N GLU B 41 7.57 -11.95 4.10
CA GLU B 41 7.79 -10.90 3.11
C GLU B 41 6.71 -9.83 3.15
N ALA B 42 5.46 -10.24 3.41
CA ALA B 42 4.37 -9.24 3.54
C ALA B 42 4.74 -8.21 4.58
N ALA B 43 5.20 -8.68 5.73
CA ALA B 43 5.55 -7.79 6.85
C ALA B 43 6.74 -6.92 6.48
N GLU B 44 7.77 -7.52 5.88
CA GLU B 44 8.92 -6.74 5.44
C GLU B 44 8.52 -5.63 4.47
N LYS B 45 7.57 -5.92 3.59
CA LYS B 45 7.16 -4.94 2.58
C LYS B 45 6.01 -4.04 3.03
N GLY B 46 5.57 -4.18 4.28
CA GLY B 46 4.50 -3.37 4.84
C GLY B 46 3.14 -3.56 4.20
N VAL B 47 2.88 -4.80 3.77
CA VAL B 47 1.57 -5.15 3.23
C VAL B 47 0.96 -6.25 4.11
N LYS B 48 -0.33 -6.52 3.89
CA LYS B 48 -1.07 -7.53 4.64
C LYS B 48 -1.63 -8.59 3.72
N ASN B 49 -1.96 -9.75 4.31
CA ASN B 49 -2.77 -10.78 3.66
C ASN B 49 -2.26 -11.27 2.31
N PRO B 50 -1.11 -11.97 2.31
CA PRO B 50 -0.65 -12.56 1.05
C PRO B 50 -1.67 -13.58 0.55
N PRO B 51 -1.75 -13.81 -0.78
CA PRO B 51 -0.87 -13.25 -1.79
C PRO B 51 -1.19 -11.81 -2.17
N LYS B 52 -0.14 -11.03 -2.42
N LYS B 52 -0.12 -11.05 -2.45
CA LYS B 52 -0.26 -9.71 -2.99
CA LYS B 52 -0.22 -9.69 -2.97
C LYS B 52 0.65 -9.64 -4.20
C LYS B 52 0.74 -9.48 -4.13
N VAL B 53 0.23 -8.87 -5.20
CA VAL B 53 1.13 -8.51 -6.28
CA VAL B 53 1.02 -8.49 -6.36
C VAL B 53 1.44 -7.03 -6.15
N LEU B 54 2.73 -6.73 -6.26
CA LEU B 54 3.22 -5.38 -6.09
C LEU B 54 3.61 -4.84 -7.46
N PHE B 55 3.11 -3.65 -7.80
CA PHE B 55 3.44 -3.02 -9.06
C PHE B 55 3.38 -1.51 -8.91
N THR B 56 4.11 -0.82 -9.79
CA THR B 56 4.03 0.62 -9.88
C THR B 56 3.13 0.96 -11.05
N ASP B 57 2.13 1.81 -10.81
CA ASP B 57 1.18 2.09 -11.86
C ASP B 57 1.68 3.18 -12.81
N GLN B 58 0.83 3.55 -13.76
CA GLN B 58 1.19 4.49 -14.83
C GLN B 58 1.46 5.91 -14.31
N ASN B 59 1.07 6.19 -13.07
CA ASN B 59 1.35 7.48 -12.42
C ASN B 59 2.38 7.37 -11.29
N ASN B 60 3.18 6.31 -11.33
CA ASN B 60 4.22 6.09 -10.31
C ASN B 60 3.71 5.87 -8.88
N LYS B 61 2.50 5.33 -8.75
CA LYS B 61 1.98 4.93 -7.44
C LYS B 61 2.33 3.47 -7.20
N ASP B 62 2.94 3.16 -6.05
CA ASP B 62 3.21 1.77 -5.70
C ASP B 62 1.91 1.17 -5.17
N VAL B 63 1.44 0.14 -5.86
CA VAL B 63 0.19 -0.53 -5.55
C VAL B 63 0.47 -1.96 -5.07
N ALA B 64 -0.22 -2.38 -4.01
CA ALA B 64 -0.24 -3.77 -3.59
C ALA B 64 -1.67 -4.24 -3.72
N HIS B 65 -1.89 -5.33 -4.44
CA HIS B 65 -3.23 -5.74 -4.79
C HIS B 65 -3.39 -7.24 -4.72
N ASN B 66 -4.58 -7.67 -4.31
CA ASN B 66 -4.90 -9.07 -4.40
C ASN B 66 -4.81 -9.52 -5.88
N PRO B 67 -4.06 -10.59 -6.16
CA PRO B 67 -3.96 -11.05 -7.56
C PRO B 67 -5.29 -11.49 -8.14
N GLY B 68 -6.12 -12.11 -7.30
CA GLY B 68 -7.34 -12.72 -7.81
C GLY B 68 -8.45 -11.75 -8.10
N THR B 69 -8.19 -10.47 -7.87
CA THR B 69 -9.20 -9.45 -8.18
C THR B 69 -8.70 -8.48 -9.22
N LEU B 70 -7.58 -8.80 -9.87
CA LEU B 70 -7.14 -7.99 -11.02
C LEU B 70 -6.91 -8.84 -12.29
N THR B 71 -6.58 -8.20 -13.40
CA THR B 71 -6.39 -8.89 -14.68
C THR B 71 -4.97 -8.75 -15.15
N ASP B 72 -4.39 -9.88 -15.54
CA ASP B 72 -3.06 -9.91 -16.11
C ASP B 72 -3.24 -9.69 -17.61
N LEU B 73 -2.95 -8.48 -18.08
CA LEU B 73 -3.17 -8.16 -19.49
C LEU B 73 -2.27 -8.96 -20.42
N ASP B 74 -1.06 -9.28 -19.95
CA ASP B 74 -0.11 -10.01 -20.80
C ASP B 74 -0.51 -11.46 -21.00
N LYS B 75 -1.40 -11.97 -20.14
CA LYS B 75 -1.82 -13.37 -20.20
C LYS B 75 -3.21 -13.58 -20.81
N GLN B 76 -3.81 -12.50 -21.30
CA GLN B 76 -5.05 -12.60 -22.08
C GLN B 76 -4.78 -13.26 -23.43
#